data_5FI8
#
_entry.id   5FI8
#
_cell.length_a   86.147
_cell.length_b   86.147
_cell.length_c   139.053
_cell.angle_alpha   90.00
_cell.angle_beta   90.00
_cell.angle_gamma   120.00
#
_symmetry.space_group_name_H-M   'P 64'
#
loop_
_entity.id
_entity.type
_entity.pdbx_description
1 polymer 'Dihydroorotate dehydrogenase (quinone), mitochondrial'
2 non-polymer 2-[1,1-bis(fluoranyl)ethyl]-~{N}-[(2~{S})-7-bromanyl-1,2,3,4-tetrahydronaphthalen-2-yl]-5-methyl-[1,2,4]triazolo[1,5-a]pyrimidin-7-amine
3 non-polymer 'FLAVIN MONONUCLEOTIDE'
4 non-polymer 'OROTIC ACID'
5 non-polymer 'LAURYL DIMETHYLAMINE-N-OXIDE'
6 water water
#
_entity_poly.entity_id   1
_entity_poly.type   'polypeptide(L)'
_entity_poly.pdbx_seq_one_letter_code
;MGHHHHHHAENLYFQGADPFESYNPEFFLYDIFLKFCLKYIDGEICHDLFLLLGKYNILPYDTSNDSIYACTNIKHLDFI
NPFGVAAGFDKNGVCIDSILKLGFSFIEIGTITPRGQTGNAKPRIFRDVESRSIINSCGFNNMGCDKVTENLILFRKRQE
EDKLLSKHIVGVSIGKNKDTVNIVDDLKYCINKIGRYADYIAINVSSPNTPGLRDNQEAGKLKNIILSVKEEIDNLEKNN
IMNDEFLWFNTTKKKPLVFVKLAPDLNQEQKKEIADVLLETNIDGMIISNTTTQINDIKSFENKKGGVSGAKLKDISTKF
ICEMYNYTNKQIPIIASGGIFSGLDALEKIEAGASVCQLYSCLVFNGMKSAVQIKRELNHLLYQRGYYNLKEAIGRKHSK
S
;
_entity_poly.pdbx_strand_id   A
#
# COMPACT_ATOMS: atom_id res chain seq x y z
N ASN A 24 -0.76 11.17 23.84
CA ASN A 24 -0.69 10.12 24.85
C ASN A 24 0.75 9.69 25.14
N PRO A 25 1.04 9.28 26.38
CA PRO A 25 2.41 8.90 26.77
C PRO A 25 2.94 7.68 26.01
N GLU A 26 2.05 6.76 25.63
CA GLU A 26 2.46 5.57 24.89
C GLU A 26 3.04 5.94 23.53
N PHE A 27 2.34 6.82 22.81
CA PHE A 27 2.83 7.33 21.53
C PHE A 27 4.10 8.15 21.69
N PHE A 28 4.10 9.02 22.69
CA PHE A 28 5.21 9.94 22.93
C PHE A 28 6.51 9.20 23.24
N LEU A 29 6.43 8.19 24.11
CA LEU A 29 7.61 7.39 24.47
C LEU A 29 8.21 6.65 23.27
N TYR A 30 7.36 6.11 22.40
CA TYR A 30 7.86 5.40 21.23
C TYR A 30 8.44 6.36 20.20
N ASP A 31 7.85 7.55 20.10
CA ASP A 31 8.33 8.55 19.15
C ASP A 31 9.70 9.07 19.54
N ILE A 32 9.96 9.13 20.85
CA ILE A 32 11.30 9.46 21.34
C ILE A 32 12.28 8.35 20.96
N PHE A 33 11.92 7.12 21.27
CA PHE A 33 12.75 5.98 20.92
C PHE A 33 13.02 5.92 19.42
N LEU A 34 12.01 6.30 18.64
CA LEU A 34 12.12 6.30 17.18
C LEU A 34 13.16 7.30 16.71
N LYS A 35 13.12 8.51 17.24
CA LYS A 35 14.05 9.57 16.85
C LYS A 35 15.47 9.21 17.24
N PHE A 36 15.64 8.58 18.40
CA PHE A 36 16.93 8.01 18.78
C PHE A 36 17.39 7.02 17.73
N CYS A 37 16.54 6.03 17.44
CA CYS A 37 16.85 4.98 16.48
C CYS A 37 17.22 5.56 15.11
N LEU A 38 16.47 6.59 14.72
CA LEU A 38 16.64 7.22 13.43
C LEU A 38 18.05 7.82 13.30
N LYS A 39 18.57 8.34 14.41
CA LYS A 39 19.87 9.01 14.41
C LYS A 39 21.04 8.04 14.36
N TYR A 40 20.96 6.99 15.18
CA TYR A 40 22.11 6.10 15.40
C TYR A 40 22.10 4.80 14.61
N ILE A 41 20.92 4.24 14.38
CA ILE A 41 20.81 2.86 13.91
C ILE A 41 20.43 2.73 12.44
N ASP A 42 21.03 1.73 11.78
CA ASP A 42 20.71 1.36 10.40
C ASP A 42 19.19 1.24 10.20
N GLY A 43 18.71 1.68 9.04
CA GLY A 43 17.29 1.71 8.75
C GLY A 43 16.59 0.36 8.79
N GLU A 44 17.12 -0.62 8.07
CA GLU A 44 16.44 -1.91 7.99
C GLU A 44 16.47 -2.61 9.35
N ILE A 45 17.51 -2.39 10.13
CA ILE A 45 17.57 -2.92 11.49
C ILE A 45 16.46 -2.30 12.34
N CYS A 46 16.28 -1.00 12.22
CA CYS A 46 15.21 -0.30 12.94
C CYS A 46 13.88 -0.88 12.57
N HIS A 47 13.65 -0.97 11.26
CA HIS A 47 12.38 -1.44 10.72
C HIS A 47 12.04 -2.79 11.30
N ASP A 48 12.97 -3.73 11.20
CA ASP A 48 12.75 -5.09 11.67
C ASP A 48 12.52 -5.13 13.18
N LEU A 49 13.19 -4.23 13.89
CA LEU A 49 13.03 -4.15 15.34
C LEU A 49 11.58 -3.77 15.69
N PHE A 50 11.09 -2.73 15.03
CA PHE A 50 9.76 -2.23 15.35
C PHE A 50 8.69 -3.22 14.90
N LEU A 51 8.95 -3.91 13.79
CA LEU A 51 8.08 -4.98 13.34
C LEU A 51 7.99 -6.05 14.41
N LEU A 52 9.13 -6.34 15.03
CA LEU A 52 9.18 -7.33 16.10
C LEU A 52 8.36 -6.85 17.30
N LEU A 53 8.46 -5.56 17.63
CA LEU A 53 7.66 -4.99 18.71
C LEU A 53 6.18 -5.12 18.41
N GLY A 54 5.82 -4.96 17.14
CA GLY A 54 4.43 -5.06 16.74
C GLY A 54 3.98 -6.50 16.85
N LYS A 55 4.86 -7.42 16.52
CA LYS A 55 4.57 -8.85 16.61
C LYS A 55 4.27 -9.24 18.06
N TYR A 56 5.01 -8.66 18.99
CA TYR A 56 4.80 -8.92 20.41
C TYR A 56 3.61 -8.12 20.94
N ASN A 57 3.01 -7.30 20.09
CA ASN A 57 1.82 -6.55 20.44
C ASN A 57 2.05 -5.61 21.63
N ILE A 58 3.10 -4.79 21.58
CA ILE A 58 3.37 -3.83 22.64
C ILE A 58 3.44 -2.41 22.10
N LEU A 59 2.81 -2.20 20.95
CA LEU A 59 2.70 -0.88 20.36
C LEU A 59 1.34 -0.28 20.72
N PRO A 60 1.22 1.05 20.68
CA PRO A 60 -0.05 1.65 21.08
C PRO A 60 -1.21 1.35 20.12
N TYR A 61 -2.42 1.56 20.62
CA TYR A 61 -3.65 1.43 19.85
C TYR A 61 -4.31 2.79 19.64
N ASP A 62 -4.86 2.97 18.44
CA ASP A 62 -5.81 4.05 18.20
C ASP A 62 -7.21 3.44 18.20
N THR A 63 -7.91 3.61 19.31
CA THR A 63 -9.23 3.00 19.50
C THR A 63 -10.35 4.02 19.27
N SER A 64 -10.02 5.10 18.59
CA SER A 64 -10.98 6.17 18.36
C SER A 64 -11.91 5.83 17.21
N ASN A 65 -13.13 6.34 17.27
CA ASN A 65 -14.05 6.25 16.14
C ASN A 65 -13.58 7.21 15.04
N ASP A 66 -13.50 6.70 13.82
CA ASP A 66 -13.11 7.53 12.69
C ASP A 66 -14.32 8.32 12.23
N SER A 67 -14.10 9.55 11.75
CA SER A 67 -15.18 10.37 11.25
C SER A 67 -15.94 9.67 10.13
N ILE A 68 -17.26 9.65 10.24
CA ILE A 68 -18.10 9.05 9.22
C ILE A 68 -18.06 9.86 7.92
N TYR A 69 -17.48 11.07 7.99
CA TYR A 69 -17.40 11.95 6.83
C TYR A 69 -16.11 11.74 6.05
N ALA A 70 -15.15 11.03 6.65
CA ALA A 70 -13.86 10.78 5.99
C ALA A 70 -13.78 9.34 5.49
N CYS A 71 -14.87 8.59 5.63
CA CYS A 71 -14.91 7.23 5.10
C CYS A 71 -14.89 7.30 3.58
N THR A 72 -14.44 6.22 2.95
CA THR A 72 -14.30 6.19 1.49
C THR A 72 -14.41 4.77 0.97
N ASN A 73 -14.27 4.62 -0.34
CA ASN A 73 -14.42 3.31 -0.97
C ASN A 73 -13.79 3.23 -2.35
N ILE A 74 -13.42 2.01 -2.73
CA ILE A 74 -13.07 1.68 -4.10
C ILE A 74 -14.13 0.69 -4.57
N LYS A 75 -15.13 1.18 -5.29
CA LYS A 75 -16.28 0.36 -5.66
C LYS A 75 -16.93 -0.21 -4.39
N HIS A 76 -17.17 -1.52 -4.35
CA HIS A 76 -17.86 -2.10 -3.19
C HIS A 76 -16.91 -2.39 -2.03
N LEU A 77 -15.65 -2.00 -2.18
CA LEU A 77 -14.67 -2.15 -1.11
C LEU A 77 -14.66 -0.89 -0.25
N ASP A 78 -15.10 -1.02 1.01
CA ASP A 78 -15.26 0.14 1.89
C ASP A 78 -14.16 0.29 2.93
N PHE A 79 -13.62 1.51 3.02
CA PHE A 79 -12.56 1.86 3.97
C PHE A 79 -13.12 2.76 5.07
N ILE A 80 -12.90 2.39 6.33
CA ILE A 80 -13.46 3.16 7.44
C ILE A 80 -12.79 4.53 7.57
N ASN A 81 -11.57 4.64 7.06
CA ASN A 81 -10.91 5.93 6.92
C ASN A 81 -10.01 5.87 5.69
N PRO A 82 -9.46 7.01 5.26
CA PRO A 82 -8.75 7.05 3.97
C PRO A 82 -7.25 6.78 4.04
N PHE A 83 -6.76 6.21 5.13
CA PHE A 83 -5.33 5.99 5.29
C PHE A 83 -4.96 4.53 5.57
N GLY A 84 -4.09 4.00 4.72
CA GLY A 84 -3.52 2.68 4.91
C GLY A 84 -2.01 2.70 4.80
N VAL A 85 -1.42 1.52 4.97
CA VAL A 85 0.03 1.37 4.88
C VAL A 85 0.40 0.68 3.56
N ALA A 86 1.41 1.22 2.90
CA ALA A 86 1.81 0.76 1.57
C ALA A 86 2.57 -0.56 1.60
N ALA A 87 2.69 -1.18 0.43
CA ALA A 87 3.45 -2.40 0.29
C ALA A 87 4.93 -2.16 0.59
N GLY A 88 5.60 -3.22 1.02
CA GLY A 88 7.01 -3.12 1.36
C GLY A 88 7.28 -2.81 2.82
N PHE A 89 6.23 -2.52 3.58
CA PHE A 89 6.38 -2.16 4.99
C PHE A 89 6.37 -3.44 5.80
N ASP A 90 5.25 -4.17 5.73
CA ASP A 90 5.16 -5.52 6.29
C ASP A 90 5.09 -6.52 5.14
N LYS A 91 6.24 -6.81 4.53
CA LYS A 91 6.30 -7.64 3.34
C LYS A 91 5.76 -9.05 3.59
N ASN A 92 6.04 -9.59 4.77
CA ASN A 92 5.72 -10.97 5.07
C ASN A 92 4.49 -11.13 5.98
N GLY A 93 3.80 -10.03 6.22
CA GLY A 93 2.59 -10.05 7.04
C GLY A 93 2.81 -10.55 8.47
N VAL A 94 3.91 -10.13 9.10
CA VAL A 94 4.26 -10.67 10.41
C VAL A 94 3.59 -9.95 11.58
N CYS A 95 3.07 -8.73 11.36
CA CYS A 95 2.32 -8.03 12.39
C CYS A 95 1.27 -7.09 11.80
N ILE A 96 0.36 -7.68 11.04
CA ILE A 96 -0.76 -6.97 10.44
C ILE A 96 -1.63 -6.32 11.53
N ASP A 97 -1.93 -7.08 12.59
CA ASP A 97 -2.76 -6.59 13.68
C ASP A 97 -2.29 -5.24 14.20
N SER A 98 -1.03 -5.20 14.64
CA SER A 98 -0.51 -4.06 15.35
C SER A 98 -0.45 -2.80 14.48
N ILE A 99 -0.12 -2.98 13.22
CA ILE A 99 -0.04 -1.85 12.29
C ILE A 99 -1.43 -1.27 12.07
N LEU A 100 -2.41 -2.13 11.82
CA LEU A 100 -3.77 -1.68 11.61
C LEU A 100 -4.27 -0.94 12.85
N LYS A 101 -3.95 -1.48 14.01
CA LYS A 101 -4.47 -0.92 15.26
C LYS A 101 -3.82 0.43 15.62
N LEU A 102 -2.83 0.87 14.84
CA LEU A 102 -2.29 2.21 14.99
C LEU A 102 -3.22 3.27 14.41
N GLY A 103 -4.31 2.84 13.78
CA GLY A 103 -5.33 3.76 13.28
C GLY A 103 -5.54 3.71 11.78
N PHE A 104 -4.85 2.78 11.12
CA PHE A 104 -4.96 2.63 9.68
C PHE A 104 -6.17 1.78 9.33
N SER A 105 -6.84 2.12 8.22
CA SER A 105 -8.01 1.36 7.77
C SER A 105 -7.63 0.12 6.97
N PHE A 106 -6.43 0.11 6.41
CA PHE A 106 -5.97 -1.06 5.67
C PHE A 106 -4.45 -1.13 5.54
N ILE A 107 -3.98 -2.30 5.11
CA ILE A 107 -2.57 -2.51 4.85
C ILE A 107 -2.42 -3.34 3.58
N GLU A 108 -1.35 -3.08 2.83
CA GLU A 108 -1.01 -3.86 1.66
C GLU A 108 0.27 -4.63 1.97
N ILE A 109 0.16 -5.92 2.25
CA ILE A 109 1.35 -6.73 2.51
C ILE A 109 2.01 -7.13 1.18
N GLY A 110 3.22 -7.67 1.25
CA GLY A 110 4.02 -7.92 0.06
C GLY A 110 4.93 -6.73 -0.21
N THR A 111 5.50 -6.63 -1.41
CA THR A 111 5.24 -7.58 -2.51
C THR A 111 5.80 -8.96 -2.22
N ILE A 112 4.96 -9.98 -2.41
CA ILE A 112 5.40 -11.37 -2.23
C ILE A 112 5.71 -11.98 -3.59
N THR A 113 6.55 -13.01 -3.57
CA THR A 113 6.83 -13.79 -4.77
C THR A 113 6.54 -15.26 -4.47
N PRO A 114 6.39 -16.08 -5.53
CA PRO A 114 6.07 -17.50 -5.32
C PRO A 114 7.07 -18.20 -4.40
N ARG A 115 8.36 -17.95 -4.63
CA ARG A 115 9.42 -18.50 -3.79
C ARG A 115 10.09 -17.38 -3.01
N GLY A 116 10.71 -17.75 -1.89
CA GLY A 116 11.42 -16.79 -1.07
C GLY A 116 12.63 -16.21 -1.79
N GLN A 117 12.93 -14.95 -1.50
CA GLN A 117 14.13 -14.28 -2.03
C GLN A 117 14.83 -13.53 -0.90
N THR A 118 16.16 -13.55 -0.91
CA THR A 118 16.94 -12.83 0.09
C THR A 118 17.01 -11.35 -0.25
N GLY A 119 16.88 -11.03 -1.53
CA GLY A 119 17.01 -9.66 -2.00
C GLY A 119 18.47 -9.32 -2.17
N ASN A 120 18.75 -8.05 -2.44
CA ASN A 120 20.10 -7.59 -2.71
C ASN A 120 20.94 -7.46 -1.44
N ALA A 121 22.21 -7.13 -1.62
CA ALA A 121 23.15 -7.08 -0.52
C ALA A 121 22.86 -5.91 0.42
N LYS A 122 22.99 -6.18 1.72
CA LYS A 122 22.83 -5.15 2.75
C LYS A 122 24.15 -4.40 3.02
N PRO A 123 24.05 -3.12 3.41
CA PRO A 123 22.82 -2.36 3.61
C PRO A 123 22.19 -1.94 2.28
N ARG A 124 20.87 -1.92 2.21
CA ARG A 124 20.17 -1.66 0.95
C ARG A 124 19.06 -0.61 1.11
N ILE A 125 19.01 0.03 2.27
CA ILE A 125 18.07 1.12 2.51
C ILE A 125 18.75 2.26 3.27
N PHE A 126 18.51 3.49 2.83
CA PHE A 126 19.12 4.66 3.44
C PHE A 126 18.13 5.82 3.54
N ARG A 127 18.21 6.56 4.64
CA ARG A 127 17.32 7.70 4.89
C ARG A 127 18.06 9.02 4.83
N ASP A 128 17.30 10.08 4.60
CA ASP A 128 17.78 11.43 4.74
C ASP A 128 16.74 12.22 5.51
N VAL A 129 17.02 12.44 6.80
CA VAL A 129 16.02 12.98 7.72
C VAL A 129 15.56 14.38 7.31
N GLU A 130 16.49 15.25 6.94
CA GLU A 130 16.15 16.64 6.68
C GLU A 130 15.25 16.77 5.46
N SER A 131 15.45 15.90 4.47
CA SER A 131 14.60 15.90 3.28
C SER A 131 13.44 14.91 3.43
N ARG A 132 13.42 14.17 4.54
CA ARG A 132 12.37 13.19 4.80
C ARG A 132 12.22 12.24 3.62
N SER A 133 13.35 11.78 3.11
CA SER A 133 13.36 10.89 1.95
C SER A 133 14.11 9.60 2.27
N ILE A 134 13.77 8.57 1.50
CA ILE A 134 14.35 7.24 1.65
C ILE A 134 14.73 6.73 0.28
N ILE A 135 15.83 5.98 0.22
CA ILE A 135 16.20 5.28 -1.01
C ILE A 135 16.44 3.82 -0.67
N ASN A 136 16.01 2.93 -1.56
CA ASN A 136 16.12 1.49 -1.30
C ASN A 136 16.41 0.68 -2.56
N SER A 137 17.10 -0.43 -2.37
CA SER A 137 17.29 -1.41 -3.42
C SER A 137 17.18 -2.80 -2.81
N CYS A 138 16.03 -3.08 -2.18
CA CYS A 138 15.84 -4.32 -1.45
C CYS A 138 15.95 -5.54 -2.37
N GLY A 139 15.35 -5.47 -3.55
CA GLY A 139 15.34 -6.57 -4.48
C GLY A 139 14.30 -7.60 -4.12
N PHE A 140 13.14 -7.14 -3.67
CA PHE A 140 11.99 -7.99 -3.38
C PHE A 140 12.33 -9.16 -2.45
N ASN A 141 12.97 -8.82 -1.32
CA ASN A 141 13.16 -9.81 -0.28
C ASN A 141 11.82 -10.18 0.35
N ASN A 142 11.53 -11.47 0.45
CA ASN A 142 10.33 -11.93 1.15
C ASN A 142 10.36 -13.42 1.39
N MET A 143 9.57 -13.87 2.38
CA MET A 143 9.57 -15.27 2.79
C MET A 143 8.92 -16.19 1.77
N GLY A 144 8.32 -15.62 0.73
CA GLY A 144 7.65 -16.43 -0.28
C GLY A 144 6.19 -16.69 0.04
N CYS A 145 5.42 -16.96 -1.01
CA CYS A 145 3.96 -17.03 -0.91
C CYS A 145 3.44 -18.04 0.11
N ASP A 146 4.10 -19.19 0.21
CA ASP A 146 3.65 -20.22 1.13
C ASP A 146 3.66 -19.71 2.57
N LYS A 147 4.78 -19.14 2.99
CA LYS A 147 4.93 -18.71 4.37
C LYS A 147 4.01 -17.53 4.66
N VAL A 148 3.96 -16.57 3.75
CA VAL A 148 3.18 -15.36 3.97
C VAL A 148 1.69 -15.70 4.01
N THR A 149 1.28 -16.66 3.19
CA THR A 149 -0.10 -17.12 3.19
C THR A 149 -0.45 -17.70 4.54
N GLU A 150 0.50 -18.44 5.13
CA GLU A 150 0.29 -19.02 6.45
C GLU A 150 0.14 -17.89 7.47
N ASN A 151 0.90 -16.82 7.31
CA ASN A 151 0.82 -15.68 8.23
C ASN A 151 -0.51 -14.95 8.11
N LEU A 152 -0.96 -14.74 6.87
CA LEU A 152 -2.22 -14.06 6.65
C LEU A 152 -3.40 -14.86 7.19
N ILE A 153 -3.33 -16.18 7.07
CA ILE A 153 -4.41 -17.04 7.55
C ILE A 153 -4.55 -16.87 9.06
N LEU A 154 -3.41 -16.89 9.75
CA LEU A 154 -3.39 -16.74 11.19
C LEU A 154 -3.99 -15.40 11.60
N PHE A 155 -3.65 -14.36 10.84
CA PHE A 155 -4.26 -13.05 11.07
C PHE A 155 -5.77 -13.10 10.91
N ARG A 156 -6.24 -13.69 9.81
CA ARG A 156 -7.66 -13.76 9.52
C ARG A 156 -8.43 -14.47 10.63
N LYS A 157 -7.77 -15.42 11.28
CA LYS A 157 -8.37 -16.11 12.41
C LYS A 157 -8.40 -15.19 13.63
N ARG A 158 -7.34 -14.44 13.85
CA ARG A 158 -7.33 -13.48 14.95
C ARG A 158 -8.36 -12.40 14.71
N GLN A 159 -8.50 -11.98 13.46
CA GLN A 159 -9.44 -10.92 13.10
C GLN A 159 -10.86 -11.27 13.52
N GLU A 160 -11.20 -12.56 13.45
CA GLU A 160 -12.52 -13.03 13.84
C GLU A 160 -12.81 -12.74 15.30
N GLU A 161 -11.73 -12.71 16.10
CA GLU A 161 -11.84 -12.60 17.55
C GLU A 161 -11.60 -11.18 18.05
N ASP A 162 -10.88 -10.37 17.26
CA ASP A 162 -10.43 -9.06 17.69
C ASP A 162 -11.39 -7.96 17.24
N LYS A 163 -11.95 -7.25 18.20
CA LYS A 163 -12.93 -6.20 17.96
C LYS A 163 -12.34 -5.02 17.16
N LEU A 164 -11.06 -4.74 17.36
CA LEU A 164 -10.42 -3.60 16.68
C LEU A 164 -10.00 -3.88 15.24
N LEU A 165 -10.21 -5.11 14.78
CA LEU A 165 -9.80 -5.49 13.44
C LEU A 165 -10.98 -5.61 12.49
N SER A 166 -12.19 -5.41 13.03
CA SER A 166 -13.40 -5.53 12.22
C SER A 166 -13.39 -4.51 11.09
N LYS A 167 -13.78 -4.98 9.91
CA LYS A 167 -13.92 -4.11 8.74
C LYS A 167 -12.62 -3.46 8.30
N HIS A 168 -11.50 -3.95 8.84
CA HIS A 168 -10.20 -3.51 8.37
C HIS A 168 -9.82 -4.36 7.16
N ILE A 169 -9.20 -3.72 6.18
CA ILE A 169 -8.89 -4.35 4.90
C ILE A 169 -7.42 -4.75 4.81
N VAL A 170 -7.17 -5.91 4.22
CA VAL A 170 -5.83 -6.36 3.94
C VAL A 170 -5.72 -6.71 2.46
N GLY A 171 -4.91 -5.94 1.74
CA GLY A 171 -4.56 -6.26 0.36
C GLY A 171 -3.25 -7.00 0.30
N VAL A 172 -3.04 -7.74 -0.78
CA VAL A 172 -1.79 -8.46 -1.00
C VAL A 172 -1.17 -8.05 -2.33
N SER A 173 0.05 -7.52 -2.26
CA SER A 173 0.83 -7.19 -3.44
C SER A 173 1.62 -8.40 -3.92
N ILE A 174 1.48 -8.73 -5.21
CA ILE A 174 2.14 -9.90 -5.78
C ILE A 174 3.03 -9.50 -6.95
N GLY A 175 4.15 -10.19 -7.09
CA GLY A 175 5.11 -9.91 -8.13
C GLY A 175 5.76 -11.20 -8.62
N LYS A 176 6.66 -11.05 -9.58
CA LYS A 176 7.35 -12.21 -10.17
C LYS A 176 8.66 -12.48 -9.44
N ASN A 177 9.12 -13.72 -9.49
CA ASN A 177 10.44 -14.05 -8.97
C ASN A 177 11.53 -13.41 -9.81
N LYS A 178 12.73 -13.33 -9.24
CA LYS A 178 13.87 -12.65 -9.87
C LYS A 178 14.21 -13.21 -11.25
N ASP A 179 14.07 -14.53 -11.41
CA ASP A 179 14.41 -15.20 -12.66
C ASP A 179 13.25 -16.05 -13.16
N THR A 180 12.07 -15.43 -13.27
CA THR A 180 10.84 -16.14 -13.57
C THR A 180 10.83 -16.79 -14.95
N VAL A 181 10.15 -17.93 -15.06
CA VAL A 181 9.95 -18.62 -16.32
C VAL A 181 8.76 -18.02 -17.07
N ASN A 182 7.76 -17.61 -16.30
CA ASN A 182 6.56 -16.98 -16.85
C ASN A 182 5.89 -16.11 -15.78
N ILE A 183 5.77 -14.81 -16.06
CA ILE A 183 5.24 -13.86 -15.09
C ILE A 183 3.80 -14.20 -14.71
N VAL A 184 2.97 -14.50 -15.71
CA VAL A 184 1.56 -14.83 -15.47
C VAL A 184 1.42 -16.01 -14.52
N ASP A 185 2.31 -16.98 -14.64
CA ASP A 185 2.23 -18.18 -13.81
C ASP A 185 2.69 -17.88 -12.39
N ASP A 186 3.65 -16.97 -12.26
CA ASP A 186 4.11 -16.55 -10.95
C ASP A 186 2.95 -15.91 -10.17
N LEU A 187 2.28 -14.95 -10.80
CA LEU A 187 1.13 -14.29 -10.19
C LEU A 187 0.01 -15.29 -9.95
N LYS A 188 -0.16 -16.23 -10.87
CA LYS A 188 -1.21 -17.25 -10.77
C LYS A 188 -0.96 -18.15 -9.57
N TYR A 189 0.29 -18.52 -9.35
CA TYR A 189 0.64 -19.35 -8.21
C TYR A 189 0.24 -18.67 -6.90
N CYS A 190 0.55 -17.37 -6.79
CA CYS A 190 0.27 -16.59 -5.60
C CYS A 190 -1.23 -16.49 -5.35
N ILE A 191 -1.97 -16.18 -6.41
CA ILE A 191 -3.41 -16.01 -6.32
C ILE A 191 -4.07 -17.30 -5.86
N ASN A 192 -3.59 -18.44 -6.37
CA ASN A 192 -4.16 -19.72 -5.98
C ASN A 192 -3.89 -20.01 -4.51
N LYS A 193 -2.78 -19.50 -3.99
CA LYS A 193 -2.41 -19.76 -2.61
C LYS A 193 -3.09 -18.80 -1.64
N ILE A 194 -2.99 -17.50 -1.92
CA ILE A 194 -3.35 -16.48 -0.93
C ILE A 194 -4.61 -15.69 -1.27
N GLY A 195 -5.11 -15.83 -2.49
CA GLY A 195 -6.26 -15.09 -2.96
C GLY A 195 -7.50 -15.22 -2.10
N ARG A 196 -7.71 -16.40 -1.52
CA ARG A 196 -8.87 -16.63 -0.65
C ARG A 196 -8.90 -15.70 0.57
N TYR A 197 -7.73 -15.20 0.95
CA TYR A 197 -7.58 -14.46 2.20
C TYR A 197 -7.36 -12.97 1.97
N ALA A 198 -7.36 -12.56 0.70
CA ALA A 198 -7.12 -11.17 0.33
C ALA A 198 -8.41 -10.42 0.00
N ASP A 199 -8.49 -9.16 0.42
CA ASP A 199 -9.60 -8.28 0.06
C ASP A 199 -9.34 -7.64 -1.29
N TYR A 200 -8.06 -7.45 -1.62
CA TYR A 200 -7.68 -7.04 -2.97
C TYR A 200 -6.26 -7.48 -3.30
N ILE A 201 -5.95 -7.54 -4.60
CA ILE A 201 -4.64 -7.95 -5.09
C ILE A 201 -3.99 -6.78 -5.83
N ALA A 202 -2.75 -6.48 -5.48
CA ALA A 202 -2.01 -5.43 -6.16
C ALA A 202 -0.96 -6.04 -7.08
N ILE A 203 -1.12 -5.79 -8.37
CA ILE A 203 -0.17 -6.22 -9.38
C ILE A 203 0.99 -5.24 -9.44
N ASN A 204 2.19 -5.73 -9.12
CA ASN A 204 3.39 -4.91 -9.11
C ASN A 204 4.45 -5.43 -10.08
N VAL A 205 4.60 -4.76 -11.22
CA VAL A 205 5.60 -5.13 -12.21
C VAL A 205 6.21 -3.89 -12.85
N GLN A 217 6.30 -3.96 -18.60
CA GLN A 217 5.27 -2.95 -18.38
C GLN A 217 4.73 -2.42 -19.71
N GLU A 218 5.04 -3.12 -20.80
CA GLU A 218 4.48 -2.80 -22.12
C GLU A 218 2.98 -3.07 -22.11
N ALA A 219 2.23 -2.20 -22.79
CA ALA A 219 0.78 -2.25 -22.79
C ALA A 219 0.24 -3.63 -23.18
N GLY A 220 0.94 -4.28 -24.11
CA GLY A 220 0.54 -5.59 -24.57
C GLY A 220 0.71 -6.64 -23.48
N LYS A 221 1.87 -6.63 -22.85
CA LYS A 221 2.18 -7.55 -21.76
C LYS A 221 1.25 -7.31 -20.57
N LEU A 222 1.04 -6.05 -20.26
CA LEU A 222 0.23 -5.66 -19.10
C LEU A 222 -1.21 -6.15 -19.27
N LYS A 223 -1.75 -6.01 -20.47
CA LYS A 223 -3.11 -6.46 -20.76
C LYS A 223 -3.23 -7.96 -20.49
N ASN A 224 -2.24 -8.72 -20.93
CA ASN A 224 -2.21 -10.17 -20.71
C ASN A 224 -2.15 -10.50 -19.23
N ILE A 225 -1.29 -9.78 -18.52
CA ILE A 225 -1.11 -9.98 -17.09
C ILE A 225 -2.41 -9.70 -16.36
N ILE A 226 -2.99 -8.53 -16.59
CA ILE A 226 -4.20 -8.10 -15.89
C ILE A 226 -5.35 -9.09 -16.09
N LEU A 227 -5.51 -9.56 -17.32
CA LEU A 227 -6.63 -10.44 -17.64
C LEU A 227 -6.45 -11.83 -17.04
N SER A 228 -5.21 -12.31 -17.02
CA SER A 228 -4.94 -13.62 -16.43
C SER A 228 -5.26 -13.58 -14.94
N VAL A 229 -4.92 -12.47 -14.29
CA VAL A 229 -5.16 -12.30 -12.86
C VAL A 229 -6.66 -12.34 -12.58
N LYS A 230 -7.43 -11.60 -13.37
CA LYS A 230 -8.88 -11.58 -13.19
C LYS A 230 -9.45 -12.97 -13.36
N GLU A 231 -8.97 -13.70 -14.36
CA GLU A 231 -9.47 -15.03 -14.67
C GLU A 231 -9.21 -15.98 -13.51
N GLU A 232 -7.99 -15.93 -12.97
CA GLU A 232 -7.58 -16.85 -11.92
C GLU A 232 -8.30 -16.57 -10.61
N ILE A 233 -8.67 -15.32 -10.40
CA ILE A 233 -9.50 -14.95 -9.26
C ILE A 233 -10.90 -15.52 -9.47
N ASP A 234 -11.42 -15.38 -10.69
CA ASP A 234 -12.74 -15.89 -11.02
C ASP A 234 -12.78 -17.42 -10.92
N ASN A 235 -11.65 -18.07 -11.17
CA ASN A 235 -11.56 -19.53 -11.10
C ASN A 235 -11.59 -20.05 -9.66
N LEU A 236 -11.19 -19.22 -8.71
CA LEU A 236 -11.28 -19.58 -7.29
C LEU A 236 -12.75 -19.70 -6.89
N GLU A 237 -13.59 -18.83 -7.43
CA GLU A 237 -15.02 -18.88 -7.19
C GLU A 237 -15.62 -20.16 -7.78
N LYS A 238 -15.16 -20.51 -8.98
CA LYS A 238 -15.67 -21.68 -9.70
C LYS A 238 -15.34 -23.01 -9.01
N ASN A 239 -14.05 -23.25 -8.80
CA ASN A 239 -13.58 -24.55 -8.34
C ASN A 239 -13.80 -24.83 -6.85
N ASN A 240 -14.61 -24.01 -6.20
CA ASN A 240 -14.97 -24.23 -4.81
C ASN A 240 -16.46 -24.55 -4.69
N ILE A 241 -16.79 -25.52 -3.86
CA ILE A 241 -18.17 -25.94 -3.67
C ILE A 241 -18.87 -25.15 -2.56
N MET A 242 -18.12 -24.35 -1.82
CA MET A 242 -18.66 -23.62 -0.67
C MET A 242 -19.31 -22.32 -1.09
N ASN A 243 -20.32 -21.89 -0.34
CA ASN A 243 -20.87 -20.55 -0.48
C ASN A 243 -19.79 -19.52 -0.16
N ASP A 244 -19.98 -18.28 -0.59
CA ASP A 244 -18.96 -17.24 -0.44
C ASP A 244 -18.60 -16.98 1.02
N GLU A 245 -19.57 -17.08 1.92
CA GLU A 245 -19.33 -16.84 3.34
C GLU A 245 -18.25 -17.78 3.88
N PHE A 246 -18.06 -18.93 3.23
CA PHE A 246 -17.11 -19.93 3.69
C PHE A 246 -16.00 -20.17 2.66
N LEU A 247 -15.98 -19.34 1.62
CA LEU A 247 -14.94 -19.42 0.60
C LEU A 247 -13.93 -18.29 0.75
N TRP A 248 -14.44 -17.07 0.82
CA TRP A 248 -13.59 -15.90 0.96
C TRP A 248 -13.32 -15.59 2.44
N PHE A 249 -12.22 -16.12 2.94
CA PHE A 249 -11.85 -15.94 4.34
C PHE A 249 -11.13 -14.60 4.48
N ASN A 250 -11.83 -13.53 4.12
CA ASN A 250 -11.28 -12.18 4.15
C ASN A 250 -12.28 -11.24 4.83
N THR A 251 -12.19 -9.94 4.57
CA THR A 251 -13.06 -8.97 5.22
C THR A 251 -14.34 -8.75 4.43
N THR A 252 -14.22 -8.64 3.11
CA THR A 252 -15.36 -8.34 2.25
C THR A 252 -16.31 -9.52 2.06
N LYS A 253 -15.82 -10.73 2.30
CA LYS A 253 -16.54 -11.97 2.00
C LYS A 253 -16.94 -12.04 0.53
N LYS A 254 -16.14 -11.39 -0.30
CA LYS A 254 -16.28 -11.45 -1.75
C LYS A 254 -14.91 -11.68 -2.36
N LYS A 255 -14.85 -11.87 -3.67
CA LYS A 255 -13.58 -12.08 -4.34
C LYS A 255 -12.72 -10.82 -4.27
N PRO A 256 -11.38 -10.99 -4.22
CA PRO A 256 -10.49 -9.82 -4.13
C PRO A 256 -10.54 -8.95 -5.39
N LEU A 257 -10.57 -7.63 -5.19
CA LEU A 257 -10.45 -6.71 -6.31
C LEU A 257 -9.04 -6.78 -6.88
N VAL A 258 -8.84 -6.20 -8.07
CA VAL A 258 -7.54 -6.21 -8.73
C VAL A 258 -7.08 -4.77 -8.98
N PHE A 259 -5.99 -4.40 -8.32
CA PHE A 259 -5.34 -3.11 -8.55
C PHE A 259 -4.04 -3.34 -9.29
N VAL A 260 -3.50 -2.28 -9.88
CA VAL A 260 -2.17 -2.32 -10.48
C VAL A 260 -1.39 -1.10 -9.99
N LYS A 261 -0.12 -1.31 -9.68
CA LYS A 261 0.72 -0.23 -9.17
C LYS A 261 1.72 0.22 -10.24
N LEU A 262 1.74 1.52 -10.50
CA LEU A 262 2.55 2.09 -11.57
C LEU A 262 3.75 2.84 -11.02
N ALA A 263 4.86 2.78 -11.74
CA ALA A 263 6.05 3.55 -11.40
C ALA A 263 5.96 4.92 -12.07
N PRO A 264 6.55 5.96 -11.45
CA PRO A 264 6.41 7.33 -11.96
C PRO A 264 7.33 7.64 -13.13
N ASP A 265 8.33 6.80 -13.35
CA ASP A 265 9.32 7.03 -14.39
C ASP A 265 8.84 6.50 -15.74
N LEU A 266 7.78 7.12 -16.25
CA LEU A 266 7.24 6.81 -17.57
C LEU A 266 7.08 8.10 -18.38
N ASN A 267 7.10 7.98 -19.70
CA ASN A 267 6.82 9.11 -20.58
C ASN A 267 5.33 9.20 -20.88
N GLN A 268 4.91 10.27 -21.52
CA GLN A 268 3.49 10.53 -21.73
C GLN A 268 2.84 9.49 -22.64
N GLU A 269 3.58 8.98 -23.61
CA GLU A 269 3.03 7.98 -24.53
C GLU A 269 2.83 6.66 -23.79
N GLN A 270 3.72 6.37 -22.85
CA GLN A 270 3.62 5.16 -22.05
C GLN A 270 2.41 5.23 -21.13
N LYS A 271 2.19 6.39 -20.52
CA LYS A 271 1.08 6.58 -19.60
C LYS A 271 -0.27 6.46 -20.31
N LYS A 272 -0.35 7.00 -21.52
CA LYS A 272 -1.59 6.94 -22.29
C LYS A 272 -1.91 5.51 -22.72
N GLU A 273 -0.88 4.78 -23.13
CA GLU A 273 -1.04 3.39 -23.54
C GLU A 273 -1.52 2.53 -22.38
N ILE A 274 -0.87 2.69 -21.23
CA ILE A 274 -1.28 1.98 -20.02
C ILE A 274 -2.73 2.33 -19.68
N ALA A 275 -3.04 3.63 -19.65
CA ALA A 275 -4.38 4.11 -19.33
C ALA A 275 -5.46 3.41 -20.16
N ASP A 276 -5.15 3.12 -21.42
CA ASP A 276 -6.09 2.42 -22.30
C ASP A 276 -6.30 0.98 -21.85
N VAL A 277 -5.20 0.28 -21.56
CA VAL A 277 -5.26 -1.12 -21.14
C VAL A 277 -6.08 -1.27 -19.85
N LEU A 278 -5.91 -0.33 -18.91
CA LEU A 278 -6.62 -0.37 -17.64
C LEU A 278 -8.12 -0.20 -17.86
N LEU A 279 -8.49 0.47 -18.95
CA LEU A 279 -9.89 0.63 -19.31
C LEU A 279 -10.39 -0.60 -20.04
N GLU A 280 -9.55 -1.15 -20.92
CA GLU A 280 -9.90 -2.35 -21.66
C GLU A 280 -10.18 -3.53 -20.72
N THR A 281 -9.37 -3.65 -19.69
CA THR A 281 -9.43 -4.81 -18.80
C THR A 281 -10.44 -4.63 -17.66
N ASN A 282 -11.00 -3.43 -17.54
CA ASN A 282 -11.95 -3.13 -16.47
C ASN A 282 -11.30 -3.35 -15.10
N ILE A 283 -10.12 -2.76 -14.91
CA ILE A 283 -9.39 -2.93 -13.66
C ILE A 283 -10.06 -2.14 -12.55
N ASP A 284 -10.02 -2.67 -11.33
CA ASP A 284 -10.78 -2.10 -10.23
C ASP A 284 -10.14 -0.85 -9.63
N GLY A 285 -8.83 -0.70 -9.80
CA GLY A 285 -8.13 0.46 -9.26
C GLY A 285 -6.68 0.50 -9.68
N MET A 286 -6.05 1.66 -9.49
CA MET A 286 -4.62 1.80 -9.78
C MET A 286 -3.91 2.55 -8.67
N ILE A 287 -2.77 2.00 -8.25
CA ILE A 287 -1.97 2.59 -7.18
C ILE A 287 -0.90 3.49 -7.78
N ILE A 288 -1.02 4.79 -7.51
CA ILE A 288 -0.09 5.79 -8.03
C ILE A 288 0.58 6.50 -6.84
N SER A 289 1.88 6.30 -6.60
CA SER A 289 2.79 5.50 -7.44
C SER A 289 3.89 4.86 -6.62
N ASN A 290 4.77 4.14 -7.32
CA ASN A 290 5.94 3.52 -6.70
C ASN A 290 7.09 4.53 -6.61
N THR A 291 8.27 4.03 -6.27
CA THR A 291 9.43 4.90 -6.08
C THR A 291 9.99 5.39 -7.41
N THR A 292 10.77 6.48 -7.36
CA THR A 292 11.32 7.11 -8.58
C THR A 292 12.84 7.10 -8.59
N THR A 293 13.40 7.23 -9.79
CA THR A 293 14.85 7.33 -9.97
C THR A 293 15.25 8.69 -10.52
N GLN A 294 14.26 9.56 -10.71
CA GLN A 294 14.47 10.87 -11.32
C GLN A 294 15.01 11.91 -10.33
N ILE A 295 15.29 11.48 -9.10
CA ILE A 295 15.75 12.39 -8.06
C ILE A 295 17.25 12.21 -7.81
N ASN A 296 17.99 13.32 -7.82
CA ASN A 296 19.44 13.27 -7.66
C ASN A 296 20.00 14.44 -6.85
N ASP A 297 19.11 15.30 -6.35
CA ASP A 297 19.55 16.47 -5.58
C ASP A 297 19.62 16.17 -4.08
N ILE A 298 19.57 14.89 -3.71
CA ILE A 298 19.78 14.46 -2.34
C ILE A 298 21.24 14.04 -2.17
N LYS A 299 22.01 14.87 -1.45
CA LYS A 299 23.46 14.71 -1.41
C LYS A 299 23.87 13.38 -0.78
N SER A 300 23.21 12.99 0.30
CA SER A 300 23.59 11.77 1.01
C SER A 300 23.30 10.52 0.18
N PHE A 301 22.49 10.67 -0.86
CA PHE A 301 22.14 9.56 -1.76
C PHE A 301 22.97 9.60 -3.04
N GLU A 302 24.03 10.40 -3.04
CA GLU A 302 24.85 10.62 -4.24
C GLU A 302 25.25 9.31 -4.91
N ASN A 303 25.92 8.45 -4.17
CA ASN A 303 26.46 7.21 -4.71
C ASN A 303 25.58 6.02 -4.39
N LYS A 304 24.33 6.29 -4.02
CA LYS A 304 23.41 5.23 -3.63
C LYS A 304 22.55 4.75 -4.78
N LYS A 305 22.18 3.48 -4.72
CA LYS A 305 21.48 2.79 -5.78
C LYS A 305 20.07 2.42 -5.34
N GLY A 306 19.08 2.73 -6.19
CA GLY A 306 17.71 2.32 -5.93
C GLY A 306 16.66 3.37 -6.26
N GLY A 307 15.46 3.14 -5.73
CA GLY A 307 14.33 4.05 -5.96
C GLY A 307 14.03 4.88 -4.73
N VAL A 308 13.70 6.15 -4.96
CA VAL A 308 13.49 7.10 -3.89
C VAL A 308 12.02 7.27 -3.52
N SER A 309 11.76 7.39 -2.22
CA SER A 309 10.44 7.71 -1.70
C SER A 309 10.56 8.77 -0.62
N GLY A 310 9.42 9.35 -0.23
CA GLY A 310 9.40 10.39 0.78
C GLY A 310 8.94 11.72 0.20
N ALA A 311 9.28 12.80 0.88
CA ALA A 311 8.80 14.13 0.52
C ALA A 311 9.16 14.51 -0.91
N LYS A 312 10.32 14.05 -1.36
CA LYS A 312 10.79 14.42 -2.69
C LYS A 312 9.99 13.77 -3.81
N LEU A 313 9.27 12.70 -3.47
CA LEU A 313 8.44 11.99 -4.43
C LEU A 313 7.03 12.59 -4.51
N LYS A 314 6.70 13.46 -3.55
CA LYS A 314 5.33 13.98 -3.41
C LYS A 314 4.83 14.66 -4.67
N ASP A 315 5.56 15.66 -5.16
CA ASP A 315 5.12 16.44 -6.31
C ASP A 315 5.02 15.57 -7.56
N ILE A 316 6.03 14.75 -7.79
CA ILE A 316 6.04 13.83 -8.93
C ILE A 316 4.81 12.92 -8.89
N SER A 317 4.49 12.41 -7.72
CA SER A 317 3.39 11.47 -7.56
C SER A 317 2.03 12.14 -7.78
N THR A 318 1.87 13.35 -7.25
CA THR A 318 0.62 14.09 -7.39
C THR A 318 0.34 14.36 -8.86
N LYS A 319 1.36 14.83 -9.58
CA LYS A 319 1.24 15.12 -11.00
C LYS A 319 0.80 13.87 -11.76
N PHE A 320 1.40 12.74 -11.40
CA PHE A 320 1.10 11.46 -12.04
C PHE A 320 -0.38 11.13 -11.88
N ILE A 321 -0.92 11.37 -10.69
CA ILE A 321 -2.33 11.12 -10.41
C ILE A 321 -3.22 11.93 -11.34
N CYS A 322 -2.95 13.23 -11.45
CA CYS A 322 -3.72 14.10 -12.32
C CYS A 322 -3.73 13.58 -13.76
N GLU A 323 -2.57 13.17 -14.24
CA GLU A 323 -2.43 12.67 -15.60
C GLU A 323 -3.29 11.43 -15.83
N MET A 324 -3.12 10.42 -14.97
CA MET A 324 -3.85 9.16 -15.13
C MET A 324 -5.34 9.33 -14.85
N TYR A 325 -5.68 10.30 -14.02
CA TYR A 325 -7.08 10.60 -13.74
C TYR A 325 -7.74 11.15 -15.00
N ASN A 326 -6.95 11.86 -15.81
CA ASN A 326 -7.44 12.45 -17.06
C ASN A 326 -7.43 11.44 -18.21
N TYR A 327 -6.29 10.79 -18.42
CA TYR A 327 -6.14 9.81 -19.49
C TYR A 327 -7.16 8.67 -19.34
N THR A 328 -7.67 8.50 -18.13
CA THR A 328 -8.58 7.41 -17.80
C THR A 328 -10.04 7.86 -17.86
N ASN A 329 -10.24 9.17 -17.91
CA ASN A 329 -11.57 9.78 -17.87
C ASN A 329 -12.27 9.46 -16.56
N LYS A 330 -11.47 9.23 -15.52
CA LYS A 330 -11.95 9.11 -14.15
C LYS A 330 -12.82 7.88 -13.92
N GLN A 331 -12.60 6.83 -14.72
CA GLN A 331 -13.38 5.60 -14.60
C GLN A 331 -12.64 4.54 -13.78
N ILE A 332 -11.43 4.85 -13.34
CA ILE A 332 -10.64 3.94 -12.52
C ILE A 332 -10.24 4.64 -11.22
N PRO A 333 -10.73 4.12 -10.07
CA PRO A 333 -10.34 4.70 -8.78
C PRO A 333 -8.83 4.68 -8.56
N ILE A 334 -8.33 5.65 -7.79
CA ILE A 334 -6.90 5.77 -7.56
C ILE A 334 -6.57 5.62 -6.09
N ILE A 335 -5.47 4.91 -5.83
CA ILE A 335 -4.86 4.82 -4.51
C ILE A 335 -3.58 5.66 -4.51
N ALA A 336 -3.53 6.67 -3.66
CA ALA A 336 -2.39 7.60 -3.64
C ALA A 336 -1.20 7.06 -2.85
N SER A 337 -0.01 7.25 -3.40
CA SER A 337 1.23 6.86 -2.72
C SER A 337 2.36 7.78 -3.18
N GLY A 338 3.03 8.40 -2.22
CA GLY A 338 4.17 9.24 -2.51
C GLY A 338 4.20 10.52 -1.71
N GLY A 339 5.15 10.59 -0.77
CA GLY A 339 5.38 11.78 0.02
C GLY A 339 4.19 12.35 0.76
N ILE A 340 3.32 11.48 1.29
CA ILE A 340 2.17 11.92 2.08
C ILE A 340 2.55 11.90 3.54
N PHE A 341 2.59 13.08 4.17
CA PHE A 341 2.96 13.21 5.57
C PHE A 341 1.87 13.91 6.38
N SER A 342 1.18 14.85 5.75
CA SER A 342 0.22 15.71 6.44
C SER A 342 -1.18 15.59 5.87
N GLY A 343 -2.15 16.12 6.62
CA GLY A 343 -3.53 16.18 6.15
C GLY A 343 -3.59 17.03 4.89
N LEU A 344 -2.72 18.04 4.82
CA LEU A 344 -2.64 18.88 3.65
C LEU A 344 -2.17 18.07 2.45
N ASP A 345 -1.10 17.29 2.64
CA ASP A 345 -0.58 16.42 1.60
C ASP A 345 -1.68 15.49 1.10
N ALA A 346 -2.48 15.00 2.04
CA ALA A 346 -3.55 14.05 1.73
C ALA A 346 -4.62 14.65 0.82
N LEU A 347 -5.03 15.88 1.13
CA LEU A 347 -6.09 16.53 0.36
C LEU A 347 -5.64 16.86 -1.06
N GLU A 348 -4.34 17.08 -1.24
CA GLU A 348 -3.78 17.28 -2.58
C GLU A 348 -4.01 16.03 -3.41
N LYS A 349 -3.61 14.88 -2.86
CA LYS A 349 -3.76 13.61 -3.55
C LYS A 349 -5.21 13.34 -3.90
N ILE A 350 -6.10 13.67 -2.96
CA ILE A 350 -7.53 13.40 -3.15
C ILE A 350 -8.13 14.32 -4.20
N GLU A 351 -7.83 15.62 -4.12
CA GLU A 351 -8.33 16.57 -5.09
C GLU A 351 -7.78 16.29 -6.49
N ALA A 352 -6.65 15.59 -6.56
CA ALA A 352 -6.06 15.22 -7.84
C ALA A 352 -6.82 14.05 -8.46
N GLY A 353 -7.45 13.23 -7.62
CA GLY A 353 -8.25 12.11 -8.09
C GLY A 353 -8.25 10.88 -7.19
N ALA A 354 -7.39 10.88 -6.17
CA ALA A 354 -7.28 9.72 -5.29
C ALA A 354 -8.49 9.56 -4.38
N SER A 355 -8.82 8.31 -4.06
CA SER A 355 -9.93 8.01 -3.15
C SER A 355 -9.41 7.53 -1.80
N VAL A 356 -8.17 7.05 -1.78
CA VAL A 356 -7.52 6.60 -0.56
C VAL A 356 -6.04 6.93 -0.61
N CYS A 357 -5.39 6.93 0.55
CA CYS A 357 -3.98 7.27 0.65
C CYS A 357 -3.20 6.18 1.36
N GLN A 358 -1.98 5.94 0.88
CA GLN A 358 -1.07 4.99 1.49
C GLN A 358 0.14 5.72 2.06
N LEU A 359 0.55 5.34 3.26
CA LEU A 359 1.71 5.91 3.92
C LEU A 359 2.85 4.88 4.00
N TYR A 360 4.08 5.38 4.01
CA TYR A 360 5.25 4.56 4.31
C TYR A 360 6.30 5.43 5.01
N SER A 361 6.85 6.38 4.26
CA SER A 361 7.93 7.23 4.77
C SER A 361 7.48 8.01 6.00
N CYS A 362 6.22 8.41 6.01
CA CYS A 362 5.66 9.11 7.16
C CYS A 362 5.89 8.34 8.45
N LEU A 363 5.64 7.03 8.41
CA LEU A 363 5.79 6.20 9.61
C LEU A 363 7.24 6.17 10.09
N VAL A 364 8.17 6.26 9.14
CA VAL A 364 9.59 6.23 9.47
C VAL A 364 10.02 7.51 10.18
N PHE A 365 9.49 8.64 9.72
CA PHE A 365 9.91 9.94 10.23
C PHE A 365 9.00 10.54 11.29
N ASN A 366 7.73 10.10 11.35
CA ASN A 366 6.77 10.64 12.32
C ASN A 366 6.36 9.63 13.38
N GLY A 367 6.60 8.36 13.13
CA GLY A 367 6.39 7.33 14.14
C GLY A 367 4.95 6.91 14.36
N MET A 368 4.70 6.38 15.55
CA MET A 368 3.43 5.76 15.92
C MET A 368 2.20 6.62 15.73
N LYS A 369 2.37 7.94 15.80
CA LYS A 369 1.23 8.85 15.79
C LYS A 369 0.74 9.19 14.39
N SER A 370 1.39 8.62 13.38
CA SER A 370 1.19 9.06 12.00
C SER A 370 -0.27 9.02 11.59
N ALA A 371 -0.95 7.91 11.90
CA ALA A 371 -2.34 7.74 11.50
C ALA A 371 -3.25 8.67 12.29
N VAL A 372 -3.05 8.71 13.60
CA VAL A 372 -3.87 9.54 14.48
C VAL A 372 -3.76 11.01 14.06
N GLN A 373 -2.55 11.42 13.74
CA GLN A 373 -2.28 12.81 13.42
C GLN A 373 -2.89 13.18 12.07
N ILE A 374 -2.56 12.40 11.05
CA ILE A 374 -2.96 12.75 9.69
C ILE A 374 -4.48 12.73 9.53
N LYS A 375 -5.15 11.81 10.24
CA LYS A 375 -6.62 11.72 10.17
C LYS A 375 -7.26 12.95 10.75
N ARG A 376 -6.70 13.41 11.86
CA ARG A 376 -7.17 14.63 12.52
C ARG A 376 -7.00 15.84 11.60
N GLU A 377 -5.80 15.99 11.06
CA GLU A 377 -5.50 17.11 10.17
C GLU A 377 -6.40 17.14 8.94
N LEU A 378 -6.64 15.99 8.33
CA LEU A 378 -7.48 15.93 7.14
C LEU A 378 -8.93 16.28 7.47
N ASN A 379 -9.39 15.82 8.64
CA ASN A 379 -10.74 16.14 9.09
C ASN A 379 -10.92 17.66 9.25
N HIS A 380 -9.97 18.30 9.91
CA HIS A 380 -10.00 19.75 10.08
C HIS A 380 -10.02 20.45 8.73
N LEU A 381 -9.17 19.97 7.81
CA LEU A 381 -9.02 20.59 6.50
C LEU A 381 -10.30 20.46 5.66
N LEU A 382 -10.91 19.28 5.66
CA LEU A 382 -12.14 19.06 4.91
C LEU A 382 -13.25 19.99 5.39
N TYR A 383 -13.23 20.34 6.67
CA TYR A 383 -14.22 21.22 7.25
C TYR A 383 -13.95 22.67 6.84
N GLN A 384 -12.73 23.12 7.08
CA GLN A 384 -12.34 24.50 6.79
C GLN A 384 -12.45 24.84 5.30
N ARG A 385 -12.37 23.82 4.46
CA ARG A 385 -12.44 24.01 3.01
C ARG A 385 -13.87 23.90 2.51
N GLY A 386 -14.80 23.59 3.41
CA GLY A 386 -16.21 23.54 3.08
C GLY A 386 -16.64 22.29 2.34
N TYR A 387 -15.95 21.18 2.60
CA TYR A 387 -16.39 19.88 2.08
C TYR A 387 -17.31 19.22 3.10
N TYR A 388 -18.43 18.67 2.62
CA TYR A 388 -19.33 17.95 3.50
C TYR A 388 -18.70 16.63 3.91
N ASN A 389 -18.19 15.89 2.93
CA ASN A 389 -17.46 14.67 3.19
C ASN A 389 -16.25 14.53 2.26
N LEU A 390 -15.47 13.47 2.46
CA LEU A 390 -14.25 13.27 1.70
C LEU A 390 -14.57 12.96 0.25
N LYS A 391 -15.62 12.18 0.02
CA LYS A 391 -15.98 11.74 -1.32
C LYS A 391 -16.21 12.94 -2.24
N GLU A 392 -16.73 14.02 -1.67
CA GLU A 392 -17.05 15.23 -2.42
C GLU A 392 -15.78 15.92 -2.94
N ALA A 393 -14.65 15.66 -2.28
CA ALA A 393 -13.40 16.34 -2.61
C ALA A 393 -12.58 15.62 -3.67
N ILE A 394 -12.97 14.41 -4.02
CA ILE A 394 -12.21 13.60 -4.97
C ILE A 394 -12.26 14.19 -6.38
N GLY A 395 -11.12 14.64 -6.88
CA GLY A 395 -11.01 15.11 -8.26
C GLY A 395 -11.49 16.54 -8.47
N ARG A 396 -11.75 17.25 -7.38
CA ARG A 396 -12.26 18.62 -7.47
C ARG A 396 -11.27 19.56 -8.17
N LYS A 397 -9.98 19.24 -8.08
CA LYS A 397 -8.93 20.07 -8.68
C LYS A 397 -8.14 19.28 -9.73
#